data_7H2E
#
_entry.id   7H2E
#
_cell.length_a   42.420
_cell.length_b   42.420
_cell.length_c   217.593
_cell.angle_alpha   90.00
_cell.angle_beta   90.00
_cell.angle_gamma   90.00
#
_symmetry.space_group_name_H-M   'P 43 2 2'
#
loop_
_entity.id
_entity.type
_entity.pdbx_description
1 polymer 'Serine protease subunit NS2B'
2 polymer 'Serine protease NS3'
3 non-polymer 'DIMETHYL SULFOXIDE'
4 non-polymer (1S)-1-(1-phenyl-1H-1,2,3-triazol-4-yl)ethan-1-amine
5 water water
#
loop_
_entity_poly.entity_id
_entity_poly.type
_entity_poly.pdbx_seq_one_letter_code
_entity_poly.pdbx_strand_id
1 'polypeptide(L)' SMGKSVDMYIERAGDITWEKDAEVTGNSPRLDVALDESGDFSLVEE A
2 'polypeptide(L)'
;MKEVKKGETTDGVYRVMTRRLLGSTQVGVGVMQEGVFHTMWHVTKGAALRSGEGRLDPYWGDVKQDLVSYCGPWKLDAAW
DGLSEVQLLAVPPGERAKNIQTLPGIFKTKDGDIGAVALDYPAGTSGSPILDKCGRVIGLYGNGVVIKNGSYVSAITQGK
REEETPVE
;
B
#
loop_
_chem_comp.id
_chem_comp.type
_chem_comp.name
_chem_comp.formula
A1AJ5 non-polymer (1S)-1-(1-phenyl-1H-1,2,3-triazol-4-yl)ethan-1-amine 'C10 H12 N4'
DMS non-polymer 'DIMETHYL SULFOXIDE' 'C2 H6 O S'
#
# COMPACT_ATOMS: atom_id res chain seq x y z
N ASP A 7 11.97 14.58 9.51
CA ASP A 7 12.68 14.30 8.27
C ASP A 7 12.58 12.80 7.91
N MET A 8 11.64 12.49 7.08
CA MET A 8 11.38 11.11 6.70
C MET A 8 12.39 10.55 5.73
N TYR A 9 12.70 9.26 5.88
CA TYR A 9 13.69 8.61 5.03
C TYR A 9 13.25 7.20 4.69
N ILE A 10 13.74 6.67 3.56
CA ILE A 10 13.32 5.31 3.14
C ILE A 10 14.49 4.30 3.19
N GLU A 11 14.12 3.03 3.43
CA GLU A 11 15.09 1.94 3.55
C GLU A 11 14.53 0.74 2.80
N ARG A 12 15.35 0.12 1.93
CA ARG A 12 14.85 -1.02 1.14
C ARG A 12 14.50 -2.19 2.04
N ALA A 13 13.32 -2.84 1.78
CA ALA A 13 12.89 -4.02 2.57
C ALA A 13 12.74 -5.31 1.72
N GLY A 14 12.77 -5.21 0.41
CA GLY A 14 12.75 -6.40 -0.43
C GLY A 14 12.38 -6.18 -1.87
N ASP A 15 12.38 -7.28 -2.64
CA ASP A 15 11.90 -7.32 -4.01
C ASP A 15 10.39 -7.54 -3.97
N ILE A 16 9.71 -7.10 -5.03
CA ILE A 16 8.26 -7.36 -5.15
C ILE A 16 8.09 -8.56 -6.05
N THR A 17 7.81 -9.71 -5.45
N THR A 17 7.83 -9.74 -5.46
N THR A 17 7.81 -9.71 -5.45
N THR A 17 7.83 -9.74 -5.46
CA THR A 17 7.60 -10.96 -6.16
CA THR A 17 7.73 -11.01 -6.17
CA THR A 17 7.60 -10.96 -6.16
CA THR A 17 7.73 -11.01 -6.17
C THR A 17 6.47 -11.76 -5.50
C THR A 17 6.72 -11.93 -5.49
C THR A 17 6.47 -11.76 -5.50
C THR A 17 6.72 -11.93 -5.49
N TRP A 18 5.88 -12.64 -6.26
CA TRP A 18 4.85 -13.57 -5.74
C TRP A 18 5.62 -14.76 -5.12
N GLU A 19 5.18 -15.25 -3.94
CA GLU A 19 5.88 -16.36 -3.29
C GLU A 19 5.00 -17.57 -3.41
N LYS A 20 5.54 -18.68 -3.94
CA LYS A 20 4.74 -19.91 -4.03
C LYS A 20 4.62 -20.51 -2.62
N ASP A 21 3.46 -21.05 -2.26
CA ASP A 21 3.27 -21.64 -0.93
C ASP A 21 3.48 -20.59 0.18
N ALA A 22 2.91 -19.37 0.01
CA ALA A 22 2.99 -18.37 1.07
C ALA A 22 1.89 -18.74 2.11
N GLU A 23 1.94 -18.16 3.34
CA GLU A 23 0.89 -18.35 4.35
C GLU A 23 -0.44 -17.83 3.76
N VAL A 24 -1.51 -18.60 3.82
CA VAL A 24 -2.80 -18.20 3.24
C VAL A 24 -3.83 -17.94 4.35
N THR A 25 -4.39 -16.69 4.41
CA THR A 25 -5.34 -16.34 5.48
C THR A 25 -6.29 -15.19 5.05
N GLY A 26 -7.21 -14.81 5.92
CA GLY A 26 -8.13 -13.73 5.64
C GLY A 26 -9.40 -14.21 4.97
N ASN A 27 -10.52 -13.52 5.24
CA ASN A 27 -11.77 -13.86 4.59
C ASN A 27 -12.03 -12.86 3.42
N SER A 28 -13.21 -12.90 2.79
CA SER A 28 -13.51 -12.08 1.60
C SER A 28 -14.85 -11.36 1.77
N PRO A 29 -14.92 -10.37 2.70
CA PRO A 29 -16.22 -9.77 2.98
C PRO A 29 -16.67 -8.83 1.87
N ARG A 30 -17.98 -8.78 1.68
CA ARG A 30 -18.61 -7.88 0.71
C ARG A 30 -19.28 -6.77 1.51
N LEU A 31 -18.71 -5.55 1.47
CA LEU A 31 -19.19 -4.46 2.30
C LEU A 31 -19.69 -3.28 1.50
N ASP A 32 -20.77 -2.63 1.95
CA ASP A 32 -21.26 -1.42 1.30
C ASP A 32 -20.55 -0.28 2.01
N VAL A 33 -19.78 0.56 1.26
CA VAL A 33 -19.03 1.62 1.90
C VAL A 33 -19.20 2.96 1.18
N ALA A 34 -18.84 4.04 1.88
CA ALA A 34 -18.87 5.39 1.32
C ALA A 34 -17.47 5.97 1.49
N LEU A 35 -17.04 6.80 0.53
CA LEU A 35 -15.70 7.40 0.56
C LEU A 35 -15.93 8.90 0.62
N ASP A 36 -15.45 9.60 1.67
CA ASP A 36 -15.68 11.03 1.77
C ASP A 36 -14.55 11.85 1.13
N GLU A 37 -14.74 13.17 1.07
CA GLU A 37 -13.78 14.07 0.47
C GLU A 37 -12.42 14.03 1.18
N SER A 38 -12.38 13.65 2.47
CA SER A 38 -11.09 13.53 3.17
C SER A 38 -10.40 12.18 2.91
N GLY A 39 -10.98 11.30 2.08
CA GLY A 39 -10.34 10.02 1.79
C GLY A 39 -10.59 8.97 2.85
N ASP A 40 -11.62 9.16 3.67
CA ASP A 40 -11.96 8.19 4.70
C ASP A 40 -13.11 7.30 4.23
N PHE A 41 -12.94 5.98 4.38
CA PHE A 41 -14.03 5.07 4.07
C PHE A 41 -14.88 4.90 5.32
N SER A 42 -16.19 4.70 5.13
CA SER A 42 -17.09 4.41 6.23
C SER A 42 -18.11 3.35 5.77
N LEU A 43 -18.62 2.54 6.71
CA LEU A 43 -19.63 1.52 6.35
C LEU A 43 -20.97 2.19 6.11
N VAL A 44 -21.71 1.75 5.08
CA VAL A 44 -23.05 2.28 4.83
C VAL A 44 -24.05 1.21 5.23
N GLU A 45 -25.07 1.56 6.03
CA GLU A 45 -26.10 0.59 6.41
C GLU A 45 -27.51 1.14 6.17
N GLY B 7 20.66 8.52 -4.15
CA GLY B 7 20.10 7.52 -3.25
C GLY B 7 19.88 6.16 -3.89
N GLU B 8 19.24 5.22 -3.16
CA GLU B 8 18.89 3.92 -3.73
C GLU B 8 17.63 4.07 -4.58
N THR B 9 17.73 3.69 -5.85
N THR B 9 17.75 3.71 -5.86
N THR B 9 17.73 3.70 -5.85
N THR B 9 17.76 3.71 -5.86
CA THR B 9 16.63 3.82 -6.80
CA THR B 9 16.67 3.82 -6.83
CA THR B 9 16.57 3.74 -6.76
CA THR B 9 16.71 3.83 -6.85
C THR B 9 16.19 2.48 -7.40
C THR B 9 16.20 2.48 -7.40
C THR B 9 16.59 2.48 -7.61
C THR B 9 16.18 2.50 -7.36
N THR B 10 16.74 1.35 -6.92
CA THR B 10 16.40 0.01 -7.38
CA THR B 10 16.37 0.04 -7.42
C THR B 10 14.93 -0.22 -7.07
N ASP B 11 14.19 -0.83 -8.01
CA ASP B 11 12.80 -1.21 -7.84
C ASP B 11 12.69 -2.07 -6.55
N GLY B 12 11.55 -2.04 -5.89
CA GLY B 12 11.31 -2.85 -4.72
C GLY B 12 10.42 -2.18 -3.70
N VAL B 13 10.23 -2.81 -2.56
CA VAL B 13 9.44 -2.30 -1.46
C VAL B 13 10.35 -1.70 -0.38
N TYR B 14 9.96 -0.52 0.17
CA TYR B 14 10.79 0.21 1.13
C TYR B 14 9.96 0.62 2.35
N ARG B 15 10.61 0.71 3.51
CA ARG B 15 9.98 1.25 4.71
C ARG B 15 10.13 2.76 4.64
N VAL B 16 9.16 3.48 5.21
CA VAL B 16 9.21 4.94 5.36
C VAL B 16 9.36 5.22 6.86
N MET B 17 10.50 5.80 7.24
CA MET B 17 10.84 6.01 8.63
C MET B 17 10.89 7.48 9.03
N THR B 18 10.81 7.76 10.35
CA THR B 18 11.01 9.12 10.86
C THR B 18 11.83 9.05 12.14
N ARG B 19 12.68 10.06 12.40
CA ARG B 19 13.41 10.14 13.67
C ARG B 19 12.84 11.24 14.60
N ARG B 20 11.70 11.83 14.24
CA ARG B 20 11.02 12.89 14.96
C ARG B 20 10.48 12.41 16.31
N LEU B 21 9.87 11.22 16.34
CA LEU B 21 9.26 10.66 17.55
C LEU B 21 10.35 9.92 18.40
N LEU B 22 9.96 8.95 19.25
CA LEU B 22 10.93 8.20 20.06
C LEU B 22 11.67 7.26 19.11
N GLY B 23 13.00 7.22 19.23
CA GLY B 23 13.86 6.40 18.37
C GLY B 23 13.59 6.57 16.88
N SER B 24 13.62 5.46 16.14
CA SER B 24 13.32 5.50 14.70
C SER B 24 12.03 4.76 14.56
N THR B 25 11.04 5.44 14.04
CA THR B 25 9.69 4.90 13.93
C THR B 25 9.27 4.72 12.49
N GLN B 26 8.71 3.55 12.19
CA GLN B 26 8.22 3.31 10.83
C GLN B 26 6.79 3.85 10.71
N VAL B 27 6.60 4.89 9.88
CA VAL B 27 5.23 5.43 9.68
C VAL B 27 4.49 4.79 8.49
N GLY B 28 5.21 4.10 7.61
CA GLY B 28 4.58 3.37 6.52
C GLY B 28 5.56 2.68 5.62
N VAL B 29 5.14 2.42 4.38
CA VAL B 29 5.81 1.61 3.36
C VAL B 29 5.46 2.13 1.98
N GLY B 30 6.33 1.86 1.02
CA GLY B 30 6.03 2.25 -0.36
C GLY B 30 6.76 1.43 -1.41
N VAL B 31 6.48 1.69 -2.69
CA VAL B 31 6.99 0.99 -3.85
C VAL B 31 7.83 1.85 -4.79
N MET B 32 9.05 1.45 -5.10
CA MET B 32 9.90 2.12 -6.07
C MET B 32 9.72 1.34 -7.39
N GLN B 33 9.28 2.03 -8.44
CA GLN B 33 9.10 1.40 -9.74
C GLN B 33 9.33 2.45 -10.81
N GLU B 34 10.25 2.16 -11.74
CA GLU B 34 10.58 3.05 -12.87
C GLU B 34 11.04 4.44 -12.43
N GLY B 35 11.79 4.46 -11.33
CA GLY B 35 12.38 5.66 -10.74
C GLY B 35 11.42 6.52 -9.93
N VAL B 36 10.18 6.02 -9.69
CA VAL B 36 9.14 6.76 -8.95
C VAL B 36 8.78 6.00 -7.65
N PHE B 37 8.71 6.76 -6.53
CA PHE B 37 8.33 6.19 -5.25
C PHE B 37 6.84 6.41 -4.99
N HIS B 38 6.13 5.36 -4.68
CA HIS B 38 4.67 5.38 -4.53
C HIS B 38 4.27 5.01 -3.12
N THR B 39 3.45 5.83 -2.46
CA THR B 39 2.98 5.48 -1.10
C THR B 39 1.58 6.06 -0.87
N MET B 40 1.03 5.90 0.35
CA MET B 40 -0.31 6.48 0.61
C MET B 40 -0.09 7.86 1.19
N TRP B 41 -0.99 8.81 0.81
CA TRP B 41 -0.89 10.18 1.30
CA TRP B 41 -0.87 10.19 1.30
C TRP B 41 -0.81 10.26 2.83
N HIS B 42 -1.62 9.47 3.54
CA HIS B 42 -1.65 9.57 5.01
C HIS B 42 -0.30 9.17 5.68
N VAL B 43 0.57 8.43 4.94
CA VAL B 43 1.89 8.04 5.49
C VAL B 43 2.83 9.27 5.59
N THR B 44 2.94 10.02 4.48
CA THR B 44 3.88 11.16 4.43
C THR B 44 3.28 12.53 4.58
N LYS B 45 1.96 12.63 4.38
CA LYS B 45 1.26 13.93 4.34
C LYS B 45 1.83 14.85 3.21
N GLY B 46 2.47 14.25 2.22
CA GLY B 46 3.01 14.99 1.08
C GLY B 46 4.38 15.59 1.34
N ALA B 47 5.03 15.25 2.47
CA ALA B 47 6.35 15.81 2.79
C ALA B 47 7.46 15.23 1.90
N ALA B 48 8.60 15.93 1.78
CA ALA B 48 9.77 15.38 1.08
C ALA B 48 10.36 14.21 1.85
N LEU B 49 11.09 13.32 1.14
CA LEU B 49 11.72 12.15 1.71
C LEU B 49 13.23 12.14 1.38
N ARG B 50 13.98 11.40 2.17
CA ARG B 50 15.41 11.24 1.99
C ARG B 50 15.68 9.77 1.63
N SER B 51 16.65 9.50 0.74
CA SER B 51 17.10 8.16 0.41
C SER B 51 18.62 8.29 0.47
N GLY B 52 19.25 7.95 1.60
CA GLY B 52 20.68 8.15 1.76
C GLY B 52 20.97 9.64 1.77
N GLU B 53 21.85 10.11 0.87
CA GLU B 53 22.13 11.53 0.72
C GLU B 53 21.21 12.24 -0.31
N GLY B 54 20.34 11.47 -0.99
CA GLY B 54 19.43 12.00 -2.01
C GLY B 54 18.09 12.47 -1.48
N ARG B 55 17.44 13.37 -2.21
CA ARG B 55 16.14 13.90 -1.80
C ARG B 55 15.05 13.43 -2.80
N LEU B 56 13.88 13.01 -2.31
CA LEU B 56 12.77 12.63 -3.19
C LEU B 56 11.69 13.68 -2.94
N ASP B 57 11.28 14.40 -4.00
CA ASP B 57 10.28 15.44 -3.83
C ASP B 57 8.93 14.94 -4.36
N PRO B 58 7.80 15.35 -3.74
CA PRO B 58 6.48 14.93 -4.25
C PRO B 58 6.27 15.48 -5.64
N TYR B 59 5.57 14.67 -6.43
CA TYR B 59 5.29 15.02 -7.81
C TYR B 59 3.78 15.07 -8.06
N TRP B 60 3.05 14.15 -7.53
CA TRP B 60 1.58 14.09 -7.66
C TRP B 60 1.00 13.56 -6.37
N GLY B 61 -0.18 14.01 -6.00
CA GLY B 61 -0.87 13.47 -4.83
C GLY B 61 -2.33 13.85 -4.84
N ASP B 62 -3.12 13.06 -4.09
CA ASP B 62 -4.56 13.28 -4.01
C ASP B 62 -5.07 12.73 -2.69
N VAL B 63 -5.55 13.59 -1.79
CA VAL B 63 -6.04 13.14 -0.47
C VAL B 63 -7.24 12.19 -0.54
N LYS B 64 -8.14 12.41 -1.51
CA LYS B 64 -9.34 11.55 -1.59
C LYS B 64 -8.97 10.12 -2.02
N GLN B 65 -8.03 10.01 -2.98
CA GLN B 65 -7.50 8.68 -3.35
C GLN B 65 -6.56 8.15 -2.28
N ASP B 66 -6.02 9.02 -1.42
CA ASP B 66 -5.05 8.68 -0.37
C ASP B 66 -3.76 8.15 -1.02
N LEU B 67 -3.30 8.80 -2.09
CA LEU B 67 -2.08 8.37 -2.78
C LEU B 67 -1.14 9.52 -3.07
N VAL B 68 0.16 9.23 -3.23
CA VAL B 68 1.20 10.22 -3.52
C VAL B 68 2.34 9.52 -4.29
N SER B 69 2.92 10.22 -5.27
CA SER B 69 4.09 9.74 -6.00
C SER B 69 5.18 10.79 -5.89
N TYR B 70 6.42 10.27 -5.88
CA TYR B 70 7.63 11.12 -5.76
C TYR B 70 8.54 10.90 -6.97
N CYS B 71 9.21 11.99 -7.46
CA CYS B 71 10.16 11.98 -8.60
C CYS B 71 9.53 11.86 -9.96
N GLY B 72 8.27 11.49 -10.03
CA GLY B 72 7.58 11.37 -11.31
C GLY B 72 6.14 10.95 -11.10
N PRO B 73 5.40 10.80 -12.22
CA PRO B 73 3.98 10.47 -12.14
C PRO B 73 3.76 9.04 -11.70
N TRP B 74 2.54 8.76 -11.24
CA TRP B 74 2.14 7.43 -10.74
C TRP B 74 2.33 6.41 -11.87
N LYS B 75 3.05 5.32 -11.60
CA LYS B 75 3.41 4.34 -12.64
C LYS B 75 2.65 3.04 -12.55
N LEU B 76 1.97 2.76 -11.43
CA LEU B 76 1.37 1.44 -11.18
C LEU B 76 -0.01 1.37 -11.79
N ASP B 77 -0.23 0.37 -12.69
CA ASP B 77 -1.56 0.34 -13.33
C ASP B 77 -2.20 -1.04 -13.40
N ALA B 78 -1.57 -2.05 -12.81
CA ALA B 78 -2.22 -3.36 -12.79
C ALA B 78 -3.47 -3.32 -11.90
N ALA B 79 -4.48 -4.16 -12.26
CA ALA B 79 -5.75 -4.22 -11.56
C ALA B 79 -6.05 -5.63 -11.10
N TRP B 80 -6.72 -5.77 -9.94
CA TRP B 80 -7.19 -7.10 -9.48
C TRP B 80 -8.21 -7.62 -10.53
N ASP B 81 -8.08 -8.92 -10.93
CA ASP B 81 -8.99 -9.51 -11.92
C ASP B 81 -10.42 -9.77 -11.37
N GLY B 82 -10.63 -9.62 -10.08
CA GLY B 82 -11.95 -9.86 -9.47
C GLY B 82 -12.28 -11.34 -9.24
N LEU B 83 -11.33 -12.23 -9.48
CA LEU B 83 -11.57 -13.67 -9.34
C LEU B 83 -10.52 -14.36 -8.48
N SER B 84 -9.26 -13.99 -8.65
CA SER B 84 -8.13 -14.69 -8.07
C SER B 84 -7.62 -14.23 -6.73
N GLU B 85 -6.91 -15.11 -6.04
CA GLU B 85 -6.18 -14.76 -4.82
C GLU B 85 -5.00 -13.80 -5.18
N VAL B 86 -4.71 -12.93 -4.26
CA VAL B 86 -3.58 -11.98 -4.39
C VAL B 86 -2.66 -12.19 -3.19
N GLN B 87 -1.50 -11.47 -3.15
CA GLN B 87 -0.64 -11.53 -2.00
C GLN B 87 -0.43 -10.11 -1.50
N LEU B 88 -0.60 -9.91 -0.19
CA LEU B 88 -0.13 -8.71 0.47
C LEU B 88 1.37 -8.93 0.81
N LEU B 89 2.24 -8.04 0.37
CA LEU B 89 3.63 -8.11 0.74
C LEU B 89 3.77 -7.20 1.94
N ALA B 90 3.38 -7.72 3.10
CA ALA B 90 3.36 -6.97 4.35
C ALA B 90 4.76 -6.67 4.81
N VAL B 91 4.99 -5.40 5.12
CA VAL B 91 6.24 -4.93 5.66
C VAL B 91 5.91 -4.27 7.01
N PRO B 92 5.69 -5.06 8.08
CA PRO B 92 5.34 -4.47 9.39
C PRO B 92 6.50 -3.81 10.12
N PRO B 93 6.23 -2.88 11.04
CA PRO B 93 7.35 -2.19 11.74
C PRO B 93 8.26 -3.20 12.47
N GLY B 94 9.56 -3.07 12.29
CA GLY B 94 10.54 -3.95 12.94
C GLY B 94 10.60 -5.39 12.49
N GLU B 95 9.79 -5.75 11.47
CA GLU B 95 9.63 -7.14 11.04
C GLU B 95 9.96 -7.37 9.55
N ARG B 96 10.43 -8.58 9.20
CA ARG B 96 10.83 -8.89 7.81
C ARG B 96 9.66 -8.82 6.84
N ALA B 97 9.90 -8.40 5.55
CA ALA B 97 8.82 -8.44 4.52
C ALA B 97 8.30 -9.91 4.41
N LYS B 98 6.97 -10.08 4.43
CA LYS B 98 6.36 -11.41 4.44
C LYS B 98 5.14 -11.38 3.54
N ASN B 99 5.06 -12.33 2.60
CA ASN B 99 3.91 -12.46 1.71
C ASN B 99 2.74 -13.18 2.39
N ILE B 100 1.53 -12.63 2.29
CA ILE B 100 0.33 -13.21 2.85
C ILE B 100 -0.64 -13.37 1.71
N GLN B 101 -1.09 -14.61 1.42
CA GLN B 101 -2.02 -14.83 0.33
C GLN B 101 -3.47 -14.82 0.83
N THR B 102 -4.38 -14.23 0.04
CA THR B 102 -5.76 -14.06 0.46
C THR B 102 -6.67 -13.86 -0.76
N LEU B 103 -7.99 -14.23 -0.65
CA LEU B 103 -8.91 -13.92 -1.72
C LEU B 103 -9.60 -12.63 -1.32
N PRO B 104 -9.47 -11.53 -2.12
CA PRO B 104 -10.06 -10.27 -1.69
C PRO B 104 -11.56 -10.35 -1.62
N GLY B 105 -12.12 -9.54 -0.73
CA GLY B 105 -13.55 -9.22 -0.67
C GLY B 105 -13.75 -8.01 -1.57
N ILE B 106 -14.88 -7.35 -1.39
CA ILE B 106 -15.22 -6.20 -2.24
C ILE B 106 -15.78 -5.05 -1.42
N PHE B 107 -15.38 -3.81 -1.73
CA PHE B 107 -16.04 -2.62 -1.21
C PHE B 107 -17.02 -2.20 -2.33
N LYS B 108 -18.34 -2.13 -2.05
CA LYS B 108 -19.31 -1.67 -3.03
C LYS B 108 -19.58 -0.21 -2.75
N THR B 109 -19.40 0.66 -3.75
CA THR B 109 -19.65 2.09 -3.54
C THR B 109 -20.63 2.62 -4.57
N LYS B 110 -21.16 3.83 -4.34
CA LYS B 110 -22.05 4.44 -5.31
C LYS B 110 -21.36 4.65 -6.68
N ASP B 111 -20.02 4.70 -6.70
CA ASP B 111 -19.23 4.93 -7.89
C ASP B 111 -18.52 3.70 -8.42
N GLY B 112 -18.95 2.51 -8.01
CA GLY B 112 -18.31 1.29 -8.46
C GLY B 112 -17.69 0.49 -7.32
N ASP B 113 -17.23 -0.70 -7.66
CA ASP B 113 -16.68 -1.63 -6.69
C ASP B 113 -15.14 -1.70 -6.75
N ILE B 114 -14.53 -2.00 -5.62
CA ILE B 114 -13.08 -2.16 -5.54
C ILE B 114 -12.78 -3.39 -4.67
N GLY B 115 -11.68 -4.08 -4.96
CA GLY B 115 -11.28 -5.21 -4.13
C GLY B 115 -10.88 -4.70 -2.75
N ALA B 116 -10.93 -5.57 -1.74
CA ALA B 116 -10.56 -5.24 -0.38
C ALA B 116 -9.91 -6.45 0.27
N VAL B 117 -8.90 -6.24 1.12
N VAL B 117 -8.91 -6.24 1.12
N VAL B 117 -8.90 -6.24 1.12
N VAL B 117 -8.91 -6.24 1.12
CA VAL B 117 -8.24 -7.35 1.80
CA VAL B 117 -8.12 -7.28 1.78
CA VAL B 117 -8.24 -7.35 1.80
CA VAL B 117 -8.12 -7.28 1.78
C VAL B 117 -8.51 -7.29 3.29
C VAL B 117 -8.35 -7.32 3.31
C VAL B 117 -8.51 -7.29 3.29
C VAL B 117 -8.35 -7.32 3.31
N ALA B 118 -8.87 -8.47 3.85
CA ALA B 118 -9.19 -8.56 5.26
C ALA B 118 -8.05 -9.08 6.08
N LEU B 119 -7.00 -8.24 6.23
CA LEU B 119 -5.77 -8.57 6.95
C LEU B 119 -5.45 -7.41 7.90
N ASP B 120 -5.16 -7.70 9.17
CA ASP B 120 -5.00 -6.63 10.17
C ASP B 120 -3.56 -6.51 10.62
N TYR B 121 -2.92 -5.39 10.26
CA TYR B 121 -1.53 -5.11 10.61
C TYR B 121 -1.42 -3.73 11.31
N PRO B 122 -0.28 -3.43 12.00
CA PRO B 122 -0.14 -2.09 12.62
C PRO B 122 -0.23 -0.98 11.57
N ALA B 123 -0.66 0.22 11.98
CA ALA B 123 -0.81 1.37 11.08
C ALA B 123 0.46 1.67 10.23
N GLY B 124 1.64 1.39 10.80
CA GLY B 124 2.90 1.64 10.09
C GLY B 124 3.16 0.71 8.91
N THR B 125 2.27 -0.29 8.70
CA THR B 125 2.30 -1.19 7.55
C THR B 125 1.64 -0.56 6.28
N SER B 126 0.93 0.55 6.48
CA SER B 126 0.23 1.23 5.37
C SER B 126 1.21 1.58 4.23
N GLY B 127 0.76 1.36 2.98
CA GLY B 127 1.64 1.51 1.82
C GLY B 127 2.17 0.20 1.29
N SER B 128 2.03 -0.89 2.11
CA SER B 128 2.56 -2.17 1.67
C SER B 128 1.83 -2.58 0.36
N PRO B 129 2.56 -3.14 -0.62
CA PRO B 129 1.89 -3.49 -1.89
C PRO B 129 1.10 -4.79 -1.91
N ILE B 130 0.03 -4.81 -2.69
CA ILE B 130 -0.75 -6.03 -2.94
C ILE B 130 -0.41 -6.40 -4.38
N LEU B 131 -0.08 -7.66 -4.61
CA LEU B 131 0.40 -8.14 -5.91
C LEU B 131 -0.48 -9.24 -6.49
N ASP B 132 -0.45 -9.34 -7.82
CA ASP B 132 -1.09 -10.46 -8.49
C ASP B 132 -0.07 -11.58 -8.71
N LYS B 133 -0.49 -12.67 -9.42
CA LYS B 133 0.40 -13.83 -9.66
C LYS B 133 1.59 -13.56 -10.55
N CYS B 134 1.56 -12.45 -11.32
CA CYS B 134 2.73 -12.05 -12.11
C CYS B 134 3.67 -11.09 -11.36
N GLY B 135 3.41 -10.88 -10.07
CA GLY B 135 4.20 -9.96 -9.25
C GLY B 135 3.93 -8.49 -9.51
N ARG B 136 2.88 -8.16 -10.25
CA ARG B 136 2.54 -6.75 -10.54
C ARG B 136 1.78 -6.15 -9.38
N VAL B 137 2.05 -4.87 -9.06
CA VAL B 137 1.38 -4.26 -7.94
C VAL B 137 0.00 -3.77 -8.37
N ILE B 138 -1.04 -4.39 -7.82
CA ILE B 138 -2.42 -4.02 -8.15
C ILE B 138 -3.02 -2.95 -7.21
N GLY B 139 -2.24 -2.53 -6.22
CA GLY B 139 -2.61 -1.45 -5.30
C GLY B 139 -1.82 -1.48 -4.01
N LEU B 140 -2.14 -0.52 -3.13
CA LEU B 140 -1.47 -0.39 -1.83
C LEU B 140 -2.49 -0.61 -0.67
N TYR B 141 -2.00 -1.24 0.40
CA TYR B 141 -2.79 -1.57 1.57
C TYR B 141 -2.73 -0.45 2.59
N GLY B 142 -3.81 -0.13 3.28
CA GLY B 142 -3.71 0.80 4.39
C GLY B 142 -4.79 1.86 4.50
N ASN B 143 -5.76 1.86 3.56
CA ASN B 143 -6.90 2.80 3.69
C ASN B 143 -8.14 1.91 3.62
N GLY B 144 -8.91 1.91 4.70
CA GLY B 144 -10.07 1.01 4.77
C GLY B 144 -10.98 1.31 5.91
N VAL B 145 -11.60 0.22 6.50
CA VAL B 145 -12.61 0.41 7.50
C VAL B 145 -12.51 -0.62 8.65
N VAL B 146 -13.12 -0.29 9.80
CA VAL B 146 -13.14 -1.18 10.96
C VAL B 146 -14.52 -1.78 10.97
N ILE B 147 -14.62 -3.12 10.89
CA ILE B 147 -15.94 -3.75 10.79
C ILE B 147 -16.48 -4.24 12.18
N LYS B 148 -17.75 -4.68 12.23
CA LYS B 148 -18.46 -5.12 13.44
C LYS B 148 -17.60 -5.68 14.62
N ASN B 149 -16.72 -6.67 14.37
CA ASN B 149 -15.94 -7.29 15.45
C ASN B 149 -14.65 -6.56 15.86
N GLY B 150 -14.45 -5.35 15.33
CA GLY B 150 -13.28 -4.54 15.60
C GLY B 150 -12.07 -4.85 14.72
N SER B 151 -12.19 -5.82 13.79
CA SER B 151 -11.08 -6.17 12.89
C SER B 151 -10.94 -5.09 11.76
N TYR B 152 -9.90 -5.22 10.93
CA TYR B 152 -9.66 -4.26 9.86
C TYR B 152 -9.77 -4.82 8.43
N VAL B 153 -10.36 -4.04 7.50
CA VAL B 153 -10.45 -4.41 6.08
C VAL B 153 -9.95 -3.22 5.24
N SER B 154 -8.88 -3.46 4.50
CA SER B 154 -8.28 -2.39 3.66
C SER B 154 -8.83 -2.41 2.23
N ALA B 155 -9.08 -1.27 1.57
CA ALA B 155 -9.31 -1.28 0.13
C ALA B 155 -7.99 -1.72 -0.58
N ILE B 156 -8.12 -2.20 -1.83
CA ILE B 156 -6.95 -2.36 -2.68
C ILE B 156 -6.92 -0.99 -3.44
N THR B 157 -6.03 -0.04 -2.97
CA THR B 157 -6.05 1.30 -3.56
C THR B 157 -5.08 1.41 -4.72
N GLN B 158 -5.58 1.68 -5.93
CA GLN B 158 -4.72 1.82 -7.10
C GLN B 158 -4.89 3.24 -7.74
N GLY B 159 -3.81 3.78 -8.24
CA GLY B 159 -3.80 5.08 -8.90
C GLY B 159 -4.07 4.92 -10.39
N LYS B 160 -3.94 6.02 -11.12
CA LYS B 160 -4.13 6.01 -12.57
C LYS B 160 -2.79 6.35 -13.20
N ARG B 161 -2.40 5.62 -14.24
CA ARG B 161 -1.17 5.93 -14.96
C ARG B 161 -1.57 6.80 -16.17
N GLU B 162 -1.25 8.12 -16.10
CA GLU B 162 -1.55 9.10 -17.15
C GLU B 162 -0.94 8.72 -18.49
S DMS C . -6.61 8.70 5.42
O DMS C . -7.86 8.01 4.98
C1 DMS C . -6.28 8.22 7.14
C2 DMS C . -7.00 10.43 5.80
S DMS D . -4.16 -0.04 10.07
O DMS D . -5.37 -0.79 10.50
C1 DMS D . -4.63 1.47 9.20
C2 DMS D . -3.42 -0.84 8.61
S DMS E . 4.07 19.17 4.35
O DMS E . 3.96 18.69 2.94
C1 DMS E . 5.77 18.97 4.96
C2 DMS E . 3.40 17.91 5.48
N1 A1AJ5 F . -1.07 -6.68 15.12
N3 A1AJ5 F . -3.17 -6.91 15.48
C4 A1AJ5 F . 0.20 -7.09 14.61
C5 A1AJ5 F . 0.25 -7.97 13.53
C6 A1AJ5 F . 1.47 -8.25 12.94
C7 A1AJ5 F . 2.62 -7.67 13.42
C8 A1AJ5 F . 2.57 -6.84 14.52
N A1AJ5 F . -4.91 -4.79 14.63
C1 A1AJ5 F . -3.98 -4.59 15.74
C A1AJ5 F . -4.69 -4.91 17.05
C2 A1AJ5 F . -2.87 -5.58 15.55
N2 A1AJ5 F . -2.07 -7.59 15.23
C3 A1AJ5 F . -1.54 -5.44 15.34
C9 A1AJ5 F . 1.36 -6.55 15.12
N1 A1AJ5 G . -9.35 2.96 -6.33
N3 A1AJ5 G . -8.50 1.33 -7.43
C4 A1AJ5 G . -9.52 3.83 -5.21
C5 A1AJ5 G . -9.70 5.18 -5.41
C6 A1AJ5 G . -9.93 6.01 -4.31
C7 A1AJ5 G . -9.98 5.48 -3.05
C8 A1AJ5 G . -9.80 4.12 -2.86
N A1AJ5 G . -9.06 0.22 -9.86
C1 A1AJ5 G . -9.71 1.51 -9.64
C A1AJ5 G . -11.20 1.41 -9.93
C2 A1AJ5 G . -9.45 1.93 -8.21
N2 A1AJ5 G . -8.43 1.97 -6.29
C3 A1AJ5 G . -10.00 2.95 -7.52
C9 A1AJ5 G . -9.56 3.30 -3.93
#